data_1SZN
#
_entry.id   1SZN
#
_cell.length_a   46.489
_cell.length_b   79.054
_cell.length_c   119.436
_cell.angle_alpha   90.00
_cell.angle_beta   90.00
_cell.angle_gamma   90.00
#
_symmetry.space_group_name_H-M   'P 21 21 21'
#
loop_
_entity.id
_entity.type
_entity.pdbx_description
1 polymer alpha-galactosidase
2 branched 2-acetamido-2-deoxy-beta-D-glucopyranose-(1-4)-2-acetamido-2-deoxy-beta-D-glucopyranose
3 branched alpha-D-mannopyranose-(1-3)-alpha-D-mannopyranose-(1-3)-[alpha-D-mannopyranose-(1-3)-alpha-D-mannopyranose-(1-6)]beta-D-mannopyranose-(1-4)-2-acetamido-2-deoxy-beta-D-glucopyranose-(1-4)-2-acetamido-2-deoxy-beta-D-glucopyranose
4 branched beta-D-mannopyranose-(1-6)-alpha-D-mannopyranose-(1-6)-[alpha-D-mannopyranose-(1-3)]beta-D-mannopyranose-(1-4)-2-acetamido-2-deoxy-beta-D-glucopyranose-(1-4)-2-acetamido-2-deoxy-beta-D-glucopyranose
5 non-polymer GLYCEROL
6 water water
#
_entity_poly.entity_id   1
_entity_poly.type   'polypeptide(L)'
_entity_poly.pdbx_seq_one_letter_code
;IVMPDGVTGKVPSLGWNSWNAYHCDIDESKFLSAAELIVSSGLLDAGYNYVNIDDCWSMKDGRVDGHIAPNATRFPDGID
GLAKKVHALGLKLGIYSTAGTATCAGYPASLGYEDVDAADFADWGVDYLKYDNCNVPSDWQDEYVACNPDFVKTGPNGTC
TTALDPTLAPPGYDWSTSKSAERFGAMRNALAKQSHEIVLSMCIWGQADVFSWGNSTGISWRMSDDISPNWGSVTRILNL
NSFKLNSVDFWGHNDADMLEVGNGNLTAAETRTHFALWAAMKSPLLIGTDLAQLSQNNINLLKNKHLLAFNQDSVYGQPA
TPYKWGINPDWTFNVTYPAEFWAGPSSKGHLVLMVNTLDITATKEAKWNEIPGLSAGHYEVRDVWSDKDLGCLSSYKAAV
AAHDTAVILVGKKCQRW
;
_entity_poly.pdbx_strand_id   A
#
# COMPACT_ATOMS: atom_id res chain seq x y z
N ILE A 1 -9.67 -9.70 4.38
CA ILE A 1 -10.77 -10.77 4.10
C ILE A 1 -10.25 -11.98 3.35
N VAL A 2 -10.61 -13.22 3.71
CA VAL A 2 -10.27 -14.39 2.92
C VAL A 2 -11.09 -14.51 1.67
N MET A 3 -10.43 -14.96 0.61
CA MET A 3 -11.06 -15.05 -0.70
C MET A 3 -11.25 -16.53 -1.05
N PRO A 4 -12.22 -16.82 -1.90
CA PRO A 4 -12.61 -18.23 -2.17
C PRO A 4 -11.48 -19.14 -2.66
N ASP A 5 -10.54 -18.62 -3.43
CA ASP A 5 -9.51 -19.48 -4.04
C ASP A 5 -8.37 -19.86 -3.07
N GLY A 6 -8.39 -19.29 -1.86
CA GLY A 6 -7.47 -19.67 -0.82
C GLY A 6 -6.09 -19.04 -0.90
N VAL A 7 -5.86 -18.22 -1.94
CA VAL A 7 -4.55 -17.63 -2.12
C VAL A 7 -4.51 -16.14 -2.49
N THR A 8 -5.39 -15.72 -3.41
CA THR A 8 -5.29 -14.37 -3.96
C THR A 8 -5.68 -13.27 -2.96
N GLY A 9 -4.70 -12.44 -2.60
CA GLY A 9 -4.86 -11.42 -1.55
C GLY A 9 -4.33 -11.81 -0.18
N LYS A 10 -3.89 -13.05 0.01
CA LYS A 10 -3.36 -13.45 1.30
C LYS A 10 -2.10 -12.68 1.66
N VAL A 11 -1.17 -12.56 0.73
CA VAL A 11 -0.03 -11.69 0.95
C VAL A 11 -0.32 -10.41 0.11
N PRO A 12 0.48 -9.36 0.32
CA PRO A 12 0.15 -8.09 -0.37
C PRO A 12 0.17 -8.16 -1.88
N SER A 13 -0.74 -7.44 -2.50
CA SER A 13 -0.80 -7.31 -3.94
C SER A 13 0.44 -6.60 -4.46
N LEU A 14 0.98 -7.11 -5.58
CA LEU A 14 2.09 -6.49 -6.29
C LEU A 14 1.63 -6.19 -7.72
N GLY A 15 1.92 -4.97 -8.17
CA GLY A 15 1.55 -4.58 -9.50
C GLY A 15 2.01 -3.17 -9.84
N TRP A 16 1.19 -2.55 -10.69
CA TRP A 16 1.42 -1.24 -11.31
C TRP A 16 0.07 -0.56 -11.45
N ASN A 17 -0.01 0.75 -11.18
CA ASN A 17 -1.23 1.54 -11.28
C ASN A 17 -0.95 2.85 -12.01
N SER A 18 -1.82 3.27 -12.96
CA SER A 18 -1.60 4.41 -13.80
C SER A 18 -1.51 5.76 -13.10
N TRP A 19 -2.03 5.87 -11.88
CA TRP A 19 -2.31 7.23 -11.33
C TRP A 19 -1.09 8.09 -11.10
N ASN A 20 -0.10 7.60 -10.36
CA ASN A 20 1.09 8.44 -10.06
C ASN A 20 1.94 8.69 -11.34
N ALA A 21 1.75 7.83 -12.35
CA ALA A 21 2.42 7.96 -13.65
C ALA A 21 1.77 9.01 -14.56
N TYR A 22 0.46 8.89 -14.73
CA TYR A 22 -0.30 9.57 -15.80
C TYR A 22 -1.49 10.42 -15.30
N HIS A 23 -1.87 10.22 -14.03
CA HIS A 23 -3.03 10.85 -13.44
C HIS A 23 -4.23 10.66 -14.36
N CYS A 24 -4.92 11.71 -14.76
CA CYS A 24 -6.16 11.55 -15.52
C CYS A 24 -5.93 11.32 -17.01
N ASP A 25 -4.71 11.44 -17.48
CA ASP A 25 -4.40 11.38 -18.91
C ASP A 25 -4.01 9.93 -19.28
N ILE A 26 -4.97 9.03 -19.39
CA ILE A 26 -4.76 7.60 -19.67
C ILE A 26 -5.47 7.17 -20.97
N ASP A 27 -4.95 6.10 -21.54
CA ASP A 27 -5.63 5.35 -22.61
C ASP A 27 -5.07 3.94 -22.63
N GLU A 28 -5.64 3.09 -23.49
CA GLU A 28 -5.29 1.67 -23.55
C GLU A 28 -3.81 1.43 -23.77
N SER A 29 -3.20 2.24 -24.63
CA SER A 29 -1.77 2.10 -24.98
C SER A 29 -0.86 2.16 -23.77
N LYS A 30 -1.21 3.03 -22.82
CA LYS A 30 -0.44 3.14 -21.61
C LYS A 30 -0.43 1.86 -20.79
N PHE A 31 -1.56 1.16 -20.75
CA PHE A 31 -1.69 -0.13 -20.06
C PHE A 31 -1.02 -1.25 -20.80
N LEU A 32 -1.11 -1.24 -22.12
CA LEU A 32 -0.40 -2.30 -22.88
C LEU A 32 1.09 -2.17 -22.79
N SER A 33 1.61 -0.94 -22.85
CA SER A 33 3.01 -0.67 -22.69
C SER A 33 3.47 -1.06 -21.30
N ALA A 34 2.69 -0.70 -20.28
CA ALA A 34 3.04 -1.12 -18.92
C ALA A 34 3.11 -2.63 -18.81
N ALA A 35 2.09 -3.35 -19.35
CA ALA A 35 2.02 -4.80 -19.29
C ALA A 35 3.25 -5.43 -19.98
N GLU A 36 3.56 -4.95 -21.16
CA GLU A 36 4.70 -5.51 -21.90
C GLU A 36 6.00 -5.28 -21.16
N LEU A 37 6.18 -4.07 -20.63
CA LEU A 37 7.38 -3.79 -19.86
C LEU A 37 7.49 -4.53 -18.52
N ILE A 38 6.36 -4.76 -17.83
CA ILE A 38 6.39 -5.57 -16.62
C ILE A 38 6.95 -6.94 -16.96
N VAL A 39 6.51 -7.52 -18.08
CA VAL A 39 7.09 -8.84 -18.48
C VAL A 39 8.56 -8.72 -18.90
N SER A 40 8.86 -7.84 -19.82
CA SER A 40 10.23 -7.83 -20.41
C SER A 40 11.30 -7.37 -19.45
N SER A 41 10.95 -6.55 -18.46
CA SER A 41 11.91 -6.09 -17.47
C SER A 41 12.23 -7.10 -16.38
N GLY A 42 11.46 -8.19 -16.30
CA GLY A 42 11.61 -9.13 -15.22
C GLY A 42 10.74 -8.81 -14.03
N LEU A 43 9.98 -7.72 -14.11
CA LEU A 43 9.11 -7.40 -12.95
C LEU A 43 8.04 -8.46 -12.68
N LEU A 44 7.46 -9.07 -13.72
CA LEU A 44 6.52 -10.17 -13.51
C LEU A 44 7.22 -11.33 -12.79
N ASP A 45 8.41 -11.65 -13.28
CA ASP A 45 9.26 -12.65 -12.61
C ASP A 45 9.50 -12.37 -11.12
N ALA A 46 9.65 -11.09 -10.76
CA ALA A 46 9.85 -10.69 -9.39
C ALA A 46 8.56 -10.76 -8.57
N GLY A 47 7.39 -10.83 -9.24
CA GLY A 47 6.10 -11.02 -8.58
C GLY A 47 5.04 -9.99 -8.93
N TYR A 48 5.42 -8.93 -9.64
CA TYR A 48 4.48 -7.84 -10.01
C TYR A 48 3.55 -8.30 -11.13
N ASN A 49 2.27 -8.56 -10.82
CA ASN A 49 1.34 -9.14 -11.77
C ASN A 49 0.07 -8.36 -12.06
N TYR A 50 -0.25 -7.33 -11.26
CA TYR A 50 -1.44 -6.53 -11.55
C TYR A 50 -1.11 -5.32 -12.41
N VAL A 51 -1.91 -5.08 -13.43
CA VAL A 51 -1.93 -3.86 -14.22
C VAL A 51 -3.27 -3.19 -13.90
N ASN A 52 -3.20 -2.09 -13.14
CA ASN A 52 -4.38 -1.46 -12.56
C ASN A 52 -4.74 -0.16 -13.16
N ILE A 53 -5.94 -0.08 -13.69
CA ILE A 53 -6.54 1.14 -14.17
C ILE A 53 -7.05 1.97 -12.98
N ASP A 54 -6.62 3.24 -12.92
CA ASP A 54 -7.08 4.18 -11.88
C ASP A 54 -8.22 5.03 -12.42
N ASP A 55 -8.39 6.26 -11.92
CA ASP A 55 -9.50 7.10 -12.35
C ASP A 55 -9.35 7.57 -13.82
N CYS A 56 -10.48 8.07 -14.36
CA CYS A 56 -10.59 8.70 -15.68
C CYS A 56 -10.76 7.72 -16.83
N TRP A 57 -11.17 6.52 -16.59
CA TRP A 57 -11.27 5.49 -17.66
C TRP A 57 -12.61 5.42 -18.39
N SER A 58 -13.65 5.93 -17.76
CA SER A 58 -15.01 5.85 -18.27
C SER A 58 -15.44 7.11 -18.93
N MET A 59 -16.59 7.06 -19.62
CA MET A 59 -17.19 8.33 -20.10
C MET A 59 -17.56 9.19 -18.91
N LYS A 60 -17.03 10.40 -18.87
CA LYS A 60 -17.19 11.27 -17.72
C LYS A 60 -18.61 11.67 -17.47
N ASP A 61 -19.35 11.83 -18.56
CA ASP A 61 -20.68 12.51 -18.55
C ASP A 61 -21.91 11.62 -18.31
N GLY A 62 -21.78 10.59 -17.50
CA GLY A 62 -22.92 9.81 -17.06
C GLY A 62 -22.93 8.39 -17.51
N ARG A 63 -23.75 7.62 -16.81
CA ARG A 63 -24.01 6.25 -17.21
C ARG A 63 -24.75 6.21 -18.56
N VAL A 64 -24.55 5.09 -19.26
CA VAL A 64 -25.29 4.77 -20.51
C VAL A 64 -26.21 3.59 -20.17
N ASP A 65 -27.50 3.85 -20.29
CA ASP A 65 -28.52 2.85 -19.92
C ASP A 65 -28.28 2.19 -18.55
N GLY A 66 -27.82 3.02 -17.61
CA GLY A 66 -27.61 2.59 -16.25
C GLY A 66 -26.27 1.94 -15.93
N HIS A 67 -25.37 1.91 -16.91
CA HIS A 67 -24.08 1.25 -16.78
C HIS A 67 -22.92 2.28 -16.96
N ILE A 68 -21.81 2.09 -16.23
CA ILE A 68 -20.62 2.89 -16.46
C ILE A 68 -20.05 2.41 -17.80
N ALA A 69 -19.91 3.34 -18.70
CA ALA A 69 -19.40 3.07 -20.04
C ALA A 69 -17.89 3.31 -20.12
N PRO A 70 -17.09 2.36 -20.60
CA PRO A 70 -15.70 2.70 -20.89
C PRO A 70 -15.63 3.86 -21.86
N ASN A 71 -14.62 4.70 -21.75
CA ASN A 71 -14.41 5.72 -22.76
C ASN A 71 -13.79 5.01 -23.95
N ALA A 72 -14.58 4.79 -24.98
CA ALA A 72 -14.10 4.02 -26.16
C ALA A 72 -13.00 4.69 -26.94
N THR A 73 -12.92 6.00 -26.87
CA THR A 73 -11.78 6.73 -27.44
C THR A 73 -10.47 6.27 -26.78
N ARG A 74 -10.52 6.09 -25.47
CA ARG A 74 -9.36 5.65 -24.71
C ARG A 74 -9.11 4.15 -24.79
N PHE A 75 -10.20 3.38 -24.83
CA PHE A 75 -10.21 1.92 -24.84
C PHE A 75 -11.06 1.37 -26.02
N PRO A 76 -10.48 1.47 -27.23
CA PRO A 76 -11.23 1.07 -28.43
C PRO A 76 -11.65 -0.39 -28.47
N ASP A 77 -10.95 -1.27 -27.77
CA ASP A 77 -11.40 -2.65 -27.62
C ASP A 77 -12.11 -2.95 -26.30
N GLY A 78 -12.46 -1.89 -25.56
CA GLY A 78 -13.15 -2.01 -24.29
C GLY A 78 -12.24 -2.41 -23.15
N ILE A 79 -12.79 -2.39 -21.93
CA ILE A 79 -12.10 -2.98 -20.81
C ILE A 79 -11.98 -4.49 -20.99
N ASP A 80 -13.03 -5.13 -21.51
CA ASP A 80 -12.96 -6.60 -21.77
C ASP A 80 -11.82 -6.93 -22.76
N GLY A 81 -11.67 -6.17 -23.82
CA GLY A 81 -10.58 -6.44 -24.74
C GLY A 81 -9.23 -6.25 -24.10
N LEU A 82 -9.11 -5.19 -23.31
CA LEU A 82 -7.86 -4.96 -22.63
C LEU A 82 -7.55 -6.05 -21.67
N ALA A 83 -8.57 -6.54 -20.93
CA ALA A 83 -8.36 -7.62 -19.99
C ALA A 83 -7.84 -8.89 -20.72
N LYS A 84 -8.42 -9.16 -21.88
CA LYS A 84 -7.92 -10.29 -22.69
C LYS A 84 -6.43 -10.18 -22.99
N LYS A 85 -6.01 -8.99 -23.41
CA LYS A 85 -4.63 -8.76 -23.80
C LYS A 85 -3.71 -8.91 -22.59
N VAL A 86 -4.13 -8.34 -21.46
CA VAL A 86 -3.33 -8.38 -20.26
C VAL A 86 -3.23 -9.80 -19.73
N HIS A 87 -4.35 -10.52 -19.70
CA HIS A 87 -4.39 -11.90 -19.26
C HIS A 87 -3.50 -12.78 -20.15
N ALA A 88 -3.45 -12.49 -21.45
CA ALA A 88 -2.57 -13.28 -22.39
C ALA A 88 -1.11 -13.15 -22.05
N LEU A 89 -0.74 -12.09 -21.35
CA LEU A 89 0.63 -11.92 -20.89
C LEU A 89 0.93 -12.48 -19.52
N GLY A 90 -0.02 -13.19 -18.91
CA GLY A 90 0.13 -13.76 -17.57
C GLY A 90 -0.10 -12.78 -16.42
N LEU A 91 -0.79 -11.71 -16.75
CA LEU A 91 -1.04 -10.61 -15.79
C LEU A 91 -2.52 -10.53 -15.46
N LYS A 92 -2.84 -9.74 -14.42
CA LYS A 92 -4.20 -9.50 -13.99
C LYS A 92 -4.57 -8.04 -14.26
N LEU A 93 -5.84 -7.76 -14.41
CA LEU A 93 -6.30 -6.37 -14.67
C LEU A 93 -7.11 -5.80 -13.50
N GLY A 94 -6.74 -4.61 -13.05
CA GLY A 94 -7.52 -3.90 -12.03
C GLY A 94 -8.28 -2.74 -12.62
N ILE A 95 -9.35 -2.35 -11.96
CA ILE A 95 -10.12 -1.18 -12.31
C ILE A 95 -10.39 -0.36 -11.05
N TYR A 96 -11.09 0.75 -11.25
CA TYR A 96 -11.28 1.77 -10.23
C TYR A 96 -12.71 2.25 -10.27
N SER A 97 -13.25 2.45 -9.05
CA SER A 97 -14.50 3.17 -8.89
C SER A 97 -14.49 3.88 -7.54
N THR A 98 -15.66 4.41 -7.14
CA THR A 98 -15.78 5.18 -5.88
C THR A 98 -17.10 4.82 -5.24
N ALA A 99 -17.05 4.74 -3.90
CA ALA A 99 -18.19 4.47 -3.02
C ALA A 99 -18.95 5.78 -2.76
N GLY A 100 -19.34 6.45 -3.83
CA GLY A 100 -20.01 7.74 -3.80
C GLY A 100 -20.73 7.94 -5.14
N THR A 101 -21.20 9.15 -5.35
CA THR A 101 -21.99 9.47 -6.54
C THR A 101 -21.16 9.87 -7.78
N ALA A 102 -19.88 10.20 -7.58
CA ALA A 102 -18.91 10.43 -8.63
C ALA A 102 -17.52 10.07 -8.11
N THR A 103 -16.60 9.75 -9.02
CA THR A 103 -15.25 9.44 -8.58
C THR A 103 -14.54 10.72 -8.13
N CYS A 104 -13.34 10.57 -7.60
CA CYS A 104 -12.62 11.76 -7.18
C CYS A 104 -12.36 12.77 -8.34
N ALA A 105 -12.13 12.28 -9.55
CA ALA A 105 -11.97 13.12 -10.71
C ALA A 105 -13.26 13.49 -11.45
N GLY A 106 -14.40 13.05 -10.95
CA GLY A 106 -15.71 13.46 -11.45
C GLY A 106 -16.40 12.54 -12.42
N TYR A 107 -16.01 11.24 -12.44
CA TYR A 107 -16.53 10.27 -13.37
C TYR A 107 -17.64 9.47 -12.71
N PRO A 108 -18.45 8.72 -13.47
CA PRO A 108 -19.51 7.92 -12.81
C PRO A 108 -18.95 6.97 -11.74
N ALA A 109 -19.75 6.77 -10.70
CA ALA A 109 -19.34 5.93 -9.59
C ALA A 109 -20.48 5.08 -9.03
N SER A 110 -20.17 4.28 -8.03
CA SER A 110 -20.91 3.04 -7.80
C SER A 110 -21.87 3.01 -6.64
N LEU A 111 -21.96 4.07 -5.83
CA LEU A 111 -22.89 4.06 -4.70
C LEU A 111 -24.33 3.90 -5.20
N GLY A 112 -25.00 2.86 -4.72
CA GLY A 112 -26.37 2.51 -5.18
C GLY A 112 -26.44 1.67 -6.43
N TYR A 113 -25.28 1.37 -7.00
CA TYR A 113 -25.16 0.60 -8.28
C TYR A 113 -24.15 -0.53 -8.13
N GLU A 114 -23.96 -1.04 -6.91
CA GLU A 114 -22.87 -1.96 -6.62
C GLU A 114 -23.07 -3.28 -7.38
N ASP A 115 -24.30 -3.79 -7.39
CA ASP A 115 -24.55 -5.05 -8.11
C ASP A 115 -24.37 -4.89 -9.62
N VAL A 116 -24.91 -3.83 -10.19
CA VAL A 116 -24.75 -3.59 -11.65
C VAL A 116 -23.26 -3.49 -12.04
N ASP A 117 -22.52 -2.69 -11.27
CA ASP A 117 -21.09 -2.45 -11.60
C ASP A 117 -20.21 -3.68 -11.35
N ALA A 118 -20.47 -4.40 -10.26
CA ALA A 118 -19.75 -5.62 -10.00
C ALA A 118 -19.93 -6.64 -11.14
N ALA A 119 -21.12 -6.71 -11.66
CA ALA A 119 -21.47 -7.68 -12.71
C ALA A 119 -20.72 -7.28 -13.99
N ASP A 120 -20.66 -5.98 -14.29
CA ASP A 120 -19.96 -5.52 -15.48
C ASP A 120 -18.47 -5.79 -15.33
N PHE A 121 -17.90 -5.40 -14.19
CA PHE A 121 -16.49 -5.62 -13.97
C PHE A 121 -16.13 -7.12 -14.11
N ALA A 122 -16.93 -7.97 -13.52
CA ALA A 122 -16.72 -9.44 -13.63
C ALA A 122 -16.87 -9.93 -15.06
N ASP A 123 -17.90 -9.45 -15.75
CA ASP A 123 -18.11 -9.87 -17.13
C ASP A 123 -16.92 -9.48 -18.01
N TRP A 124 -16.26 -8.34 -17.71
CA TRP A 124 -15.13 -7.89 -18.46
C TRP A 124 -13.86 -8.66 -18.09
N GLY A 125 -13.86 -9.47 -17.01
CA GLY A 125 -12.68 -10.18 -16.60
C GLY A 125 -11.72 -9.39 -15.69
N VAL A 126 -12.22 -8.28 -15.12
CA VAL A 126 -11.43 -7.55 -14.12
C VAL A 126 -11.17 -8.41 -12.87
N ASP A 127 -9.98 -8.28 -12.31
CA ASP A 127 -9.50 -9.09 -11.22
C ASP A 127 -9.37 -8.38 -9.85
N TYR A 128 -9.50 -7.03 -9.86
CA TYR A 128 -9.11 -6.20 -8.71
C TYR A 128 -9.84 -4.89 -8.84
N LEU A 129 -10.45 -4.43 -7.75
CA LEU A 129 -11.18 -3.19 -7.71
C LEU A 129 -10.57 -2.28 -6.61
N LYS A 130 -10.08 -1.12 -7.04
CA LYS A 130 -9.75 0.00 -6.13
C LYS A 130 -10.97 0.83 -5.99
N TYR A 131 -11.43 0.99 -4.74
CA TYR A 131 -12.73 1.61 -4.46
C TYR A 131 -12.54 2.81 -3.53
N ASP A 132 -12.62 3.99 -4.13
CA ASP A 132 -12.28 5.29 -3.53
C ASP A 132 -13.43 5.87 -2.70
N ASN A 133 -13.21 7.05 -2.11
CA ASN A 133 -14.09 7.51 -1.01
C ASN A 133 -14.64 8.93 -1.19
N CYS A 134 -14.56 9.49 -2.40
CA CYS A 134 -15.07 10.83 -2.65
C CYS A 134 -16.56 10.88 -2.87
N ASN A 135 -17.11 12.06 -2.71
CA ASN A 135 -18.49 12.30 -3.19
C ASN A 135 -19.56 11.48 -2.51
N VAL A 136 -19.53 11.46 -1.18
CA VAL A 136 -20.50 10.70 -0.39
C VAL A 136 -21.66 11.69 -0.16
N PRO A 137 -22.84 11.33 -0.60
CA PRO A 137 -24.00 12.21 -0.45
C PRO A 137 -24.51 12.20 1.01
N SER A 138 -25.34 13.20 1.34
CA SER A 138 -25.79 13.43 2.72
C SER A 138 -26.35 12.22 3.43
N ASP A 139 -27.23 11.48 2.80
CA ASP A 139 -27.95 10.37 3.46
C ASP A 139 -27.02 9.18 3.68
N TRP A 140 -25.79 9.24 3.11
CA TRP A 140 -24.81 8.21 3.32
C TRP A 140 -23.54 8.69 4.06
N GLN A 141 -23.51 9.95 4.50
CA GLN A 141 -22.36 10.44 5.27
C GLN A 141 -22.36 9.87 6.67
N ASP A 142 -21.15 9.79 7.20
CA ASP A 142 -20.99 9.34 8.56
C ASP A 142 -21.52 10.42 9.52
N GLU A 143 -21.98 9.92 10.67
CA GLU A 143 -22.47 10.78 11.74
C GLU A 143 -21.34 11.62 12.35
N TYR A 144 -20.17 11.03 12.46
CA TYR A 144 -19.03 11.62 13.12
C TYR A 144 -17.78 11.39 12.30
N VAL A 145 -16.64 11.95 12.75
CA VAL A 145 -15.31 11.63 12.19
C VAL A 145 -14.49 10.84 13.20
N ALA A 146 -13.63 9.94 12.73
CA ALA A 146 -12.70 9.24 13.55
C ALA A 146 -11.42 10.06 13.71
N CYS A 147 -10.62 9.71 14.70
CA CYS A 147 -9.33 10.38 14.93
C CYS A 147 -8.26 9.88 13.96
N ASN A 148 -8.31 10.49 12.80
CA ASN A 148 -7.36 10.23 11.67
C ASN A 148 -6.57 11.55 11.53
N PRO A 149 -5.34 11.60 12.05
CA PRO A 149 -4.56 12.84 11.97
C PRO A 149 -4.35 13.46 10.59
N ASP A 150 -4.55 12.67 9.51
CA ASP A 150 -4.47 13.27 8.19
C ASP A 150 -5.66 14.09 7.81
N PHE A 151 -6.78 13.95 8.54
CA PHE A 151 -8.03 14.59 8.15
C PHE A 151 -8.69 15.46 9.24
N VAL A 152 -8.20 15.32 10.46
CA VAL A 152 -8.84 15.99 11.59
C VAL A 152 -7.79 16.80 12.33
N LYS A 153 -8.15 17.99 12.83
CA LYS A 153 -7.23 18.82 13.65
C LYS A 153 -6.81 18.04 14.88
N THR A 154 -5.50 18.03 15.17
CA THR A 154 -4.97 17.33 16.35
C THR A 154 -4.20 18.22 17.31
N GLY A 155 -4.16 17.79 18.56
CA GLY A 155 -3.33 18.41 19.58
C GLY A 155 -2.00 17.72 19.58
N PRO A 156 -1.20 17.91 20.61
CA PRO A 156 0.12 17.28 20.66
C PRO A 156 0.02 15.76 20.52
N ASN A 157 1.01 15.18 19.84
CA ASN A 157 1.13 13.77 19.67
C ASN A 157 -0.01 13.12 18.87
N GLY A 158 -0.59 13.89 17.97
CA GLY A 158 -1.62 13.37 17.09
C GLY A 158 -2.93 13.05 17.80
N THR A 159 -3.21 13.72 18.93
CA THR A 159 -4.41 13.40 19.69
C THR A 159 -5.60 14.22 19.19
N CYS A 160 -6.78 13.65 19.32
CA CYS A 160 -8.01 14.33 18.93
C CYS A 160 -8.84 14.67 20.19
N THR A 161 -9.57 15.77 20.10
CA THR A 161 -10.56 16.11 21.10
C THR A 161 -11.76 16.75 20.41
N THR A 162 -12.92 16.71 21.08
CA THR A 162 -14.11 17.43 20.52
C THR A 162 -13.97 18.94 20.61
N ALA A 163 -13.07 19.50 21.43
CA ALA A 163 -12.80 20.93 21.35
C ALA A 163 -12.16 21.27 19.98
N LEU A 164 -11.21 20.43 19.58
CA LEU A 164 -10.53 20.62 18.27
C LEU A 164 -11.41 20.33 17.07
N ASP A 165 -12.25 19.30 17.19
CA ASP A 165 -13.25 18.97 16.16
C ASP A 165 -14.52 18.49 16.82
N PRO A 166 -15.52 19.36 16.92
CA PRO A 166 -16.77 19.02 17.56
C PRO A 166 -17.55 17.87 16.96
N THR A 167 -17.17 17.41 15.77
CA THR A 167 -17.78 16.23 15.15
C THR A 167 -17.01 14.92 15.40
N LEU A 168 -15.93 14.95 16.16
CA LEU A 168 -15.21 13.76 16.58
C LEU A 168 -16.15 12.83 17.29
N ALA A 169 -16.12 11.54 16.94
CA ALA A 169 -16.99 10.55 17.52
C ALA A 169 -16.81 10.45 19.03
N PRO A 170 -17.89 10.16 19.73
CA PRO A 170 -17.80 9.98 21.17
C PRO A 170 -16.99 8.79 21.53
N PRO A 171 -16.48 8.72 22.77
CA PRO A 171 -15.73 7.56 23.20
C PRO A 171 -16.64 6.36 23.11
N GLY A 172 -16.09 5.24 22.65
CA GLY A 172 -16.84 4.02 22.54
C GLY A 172 -17.58 3.76 21.23
N TYR A 173 -17.50 4.72 20.29
CA TYR A 173 -18.21 4.60 19.03
C TYR A 173 -17.75 3.37 18.24
N ASP A 174 -18.71 2.61 17.75
CA ASP A 174 -18.46 1.38 17.00
C ASP A 174 -18.42 1.67 15.51
N TRP A 175 -17.22 1.83 14.97
CA TRP A 175 -17.08 2.18 13.55
C TRP A 175 -17.55 1.06 12.61
N SER A 176 -17.61 -0.16 13.09
CA SER A 176 -17.96 -1.30 12.20
C SER A 176 -19.37 -1.26 11.72
N THR A 177 -20.21 -0.40 12.30
CA THR A 177 -21.57 -0.14 11.84
C THR A 177 -21.85 1.30 11.37
N SER A 178 -20.78 2.07 11.08
CA SER A 178 -20.92 3.33 10.45
C SER A 178 -21.40 3.21 9.00
N LYS A 179 -21.83 4.32 8.43
CA LYS A 179 -22.23 4.34 7.02
C LYS A 179 -21.03 3.98 6.13
N SER A 180 -19.82 4.38 6.53
CA SER A 180 -18.62 4.06 5.72
C SER A 180 -18.44 2.53 5.62
N ALA A 181 -18.60 1.85 6.74
CA ALA A 181 -18.54 0.42 6.78
C ALA A 181 -19.61 -0.17 5.87
N GLU A 182 -20.79 0.39 5.88
CA GLU A 182 -21.90 -0.09 5.03
C GLU A 182 -21.57 0.08 3.54
N ARG A 183 -21.01 1.22 3.17
CA ARG A 183 -20.73 1.53 1.78
C ARG A 183 -19.74 0.54 1.22
N PHE A 184 -18.67 0.24 1.98
CA PHE A 184 -17.69 -0.71 1.56
C PHE A 184 -18.22 -2.17 1.61
N GLY A 185 -19.02 -2.46 2.62
CA GLY A 185 -19.60 -3.80 2.71
C GLY A 185 -20.54 -4.10 1.56
N ALA A 186 -21.25 -3.11 1.06
CA ALA A 186 -22.18 -3.26 -0.06
C ALA A 186 -21.39 -3.71 -1.28
N MET A 187 -20.20 -3.19 -1.48
CA MET A 187 -19.41 -3.59 -2.65
C MET A 187 -18.78 -4.95 -2.42
N ARG A 188 -18.28 -5.24 -1.21
CA ARG A 188 -17.89 -6.59 -0.83
C ARG A 188 -18.98 -7.58 -1.27
N ASN A 189 -20.19 -7.29 -0.87
CA ASN A 189 -21.27 -8.27 -1.09
C ASN A 189 -21.58 -8.42 -2.58
N ALA A 190 -21.56 -7.34 -3.31
CA ALA A 190 -21.79 -7.37 -4.76
C ALA A 190 -20.73 -8.17 -5.48
N LEU A 191 -19.46 -7.93 -5.16
CA LEU A 191 -18.38 -8.65 -5.80
C LEU A 191 -18.46 -10.15 -5.46
N ALA A 192 -18.90 -10.48 -4.25
CA ALA A 192 -18.90 -11.86 -3.81
C ALA A 192 -19.95 -12.68 -4.55
N LYS A 193 -20.95 -12.03 -5.09
CA LYS A 193 -22.00 -12.70 -5.91
C LYS A 193 -21.57 -13.04 -7.38
N GLN A 194 -20.40 -12.56 -7.80
CA GLN A 194 -19.97 -12.71 -9.18
C GLN A 194 -19.25 -14.03 -9.41
N SER A 195 -19.30 -14.49 -10.68
CA SER A 195 -18.62 -15.70 -11.10
C SER A 195 -17.27 -15.40 -11.78
N HIS A 196 -16.60 -14.36 -11.25
CA HIS A 196 -15.23 -14.06 -11.51
C HIS A 196 -14.71 -13.42 -10.21
N GLU A 197 -13.54 -13.85 -9.75
CA GLU A 197 -12.96 -13.42 -8.51
C GLU A 197 -12.38 -12.01 -8.63
N ILE A 198 -12.92 -11.10 -7.81
CA ILE A 198 -12.43 -9.70 -7.78
C ILE A 198 -12.08 -9.35 -6.34
N VAL A 199 -10.81 -9.03 -6.10
CA VAL A 199 -10.39 -8.57 -4.77
C VAL A 199 -10.67 -7.07 -4.62
N LEU A 200 -10.92 -6.67 -3.37
CA LEU A 200 -11.31 -5.31 -3.04
C LEU A 200 -10.24 -4.57 -2.24
N SER A 201 -9.77 -3.49 -2.84
CA SER A 201 -8.87 -2.50 -2.24
C SER A 201 -9.78 -1.33 -1.80
N MET A 202 -9.77 -1.05 -0.47
CA MET A 202 -10.66 -0.09 0.14
C MET A 202 -9.90 1.24 0.30
N CYS A 203 -10.06 2.09 -0.67
CA CYS A 203 -9.33 3.38 -0.77
C CYS A 203 -10.11 4.47 0.04
N ILE A 204 -9.96 4.34 1.38
CA ILE A 204 -10.73 5.11 2.35
C ILE A 204 -9.84 6.03 3.19
N TRP A 205 -8.56 6.05 2.90
CA TRP A 205 -7.66 7.08 3.40
C TRP A 205 -7.46 7.01 4.92
N GLY A 206 -7.65 5.86 5.51
CA GLY A 206 -7.55 5.65 6.95
C GLY A 206 -8.76 6.14 7.71
N GLN A 207 -9.82 6.57 7.01
CA GLN A 207 -11.00 7.14 7.66
C GLN A 207 -11.84 6.07 8.31
N ALA A 208 -12.73 6.53 9.17
CA ALA A 208 -13.77 5.68 9.77
C ALA A 208 -13.26 4.47 10.53
N ASP A 209 -12.07 4.62 11.11
CA ASP A 209 -11.34 3.58 11.77
C ASP A 209 -11.40 2.25 11.00
N VAL A 210 -11.12 2.34 9.68
CA VAL A 210 -11.11 1.09 8.88
C VAL A 210 -10.23 0.01 9.45
N PHE A 211 -9.23 0.38 10.24
CA PHE A 211 -8.35 -0.60 10.88
C PHE A 211 -9.11 -1.65 11.66
N SER A 212 -10.22 -1.30 12.30
CA SER A 212 -10.98 -2.26 13.12
C SER A 212 -11.93 -3.18 12.32
N TRP A 213 -12.45 -2.76 11.18
CA TRP A 213 -13.44 -3.53 10.41
C TRP A 213 -12.99 -3.94 9.00
N GLY A 214 -11.87 -3.42 8.54
CA GLY A 214 -11.41 -3.69 7.17
C GLY A 214 -11.23 -5.14 6.80
N ASN A 215 -10.69 -5.92 7.72
CA ASN A 215 -10.35 -7.29 7.40
C ASN A 215 -11.59 -8.08 7.09
N SER A 216 -12.71 -7.70 7.65
CA SER A 216 -14.02 -8.35 7.35
C SER A 216 -14.60 -7.95 6.01
N THR A 217 -13.94 -7.02 5.31
CA THR A 217 -14.53 -6.39 4.15
C THR A 217 -13.75 -6.48 2.83
N GLY A 218 -12.45 -6.29 2.92
CA GLY A 218 -11.54 -6.34 1.77
C GLY A 218 -10.19 -6.86 2.09
N ILE A 219 -9.30 -6.91 1.08
CA ILE A 219 -7.98 -7.43 1.28
C ILE A 219 -6.97 -6.40 1.71
N SER A 220 -7.35 -5.14 1.51
CA SER A 220 -6.40 -4.05 1.84
C SER A 220 -7.19 -2.75 2.02
N TRP A 221 -6.61 -1.82 2.77
CA TRP A 221 -7.25 -0.50 2.95
C TRP A 221 -6.22 0.59 3.05
N ARG A 222 -6.39 1.62 2.23
CA ARG A 222 -5.59 2.84 2.37
C ARG A 222 -5.71 3.35 3.80
N MET A 223 -4.57 3.82 4.33
CA MET A 223 -4.50 4.26 5.75
C MET A 223 -4.10 5.73 5.91
N SER A 224 -4.01 6.46 4.79
CA SER A 224 -3.64 7.87 4.82
C SER A 224 -4.21 8.58 3.61
N ASP A 225 -4.15 9.90 3.65
CA ASP A 225 -4.49 10.65 2.46
C ASP A 225 -3.42 10.41 1.36
N ASP A 226 -3.76 10.85 0.17
CA ASP A 226 -2.98 10.55 -1.07
C ASP A 226 -1.51 10.91 -0.97
N ILE A 227 -0.67 9.99 -1.39
CA ILE A 227 0.78 10.17 -1.42
C ILE A 227 1.17 11.21 -2.47
N SER A 228 2.31 11.86 -2.19
CA SER A 228 2.95 12.78 -3.14
C SER A 228 4.41 12.35 -3.27
N PRO A 229 5.07 12.68 -4.39
CA PRO A 229 6.45 12.24 -4.58
C PRO A 229 7.53 13.09 -3.90
N ASN A 230 7.48 13.11 -2.58
CA ASN A 230 8.49 13.82 -1.79
C ASN A 230 8.66 13.23 -0.44
N TRP A 231 9.75 13.59 0.20
CA TRP A 231 10.12 13.03 1.47
C TRP A 231 9.10 13.34 2.53
N GLY A 232 8.53 14.54 2.50
CA GLY A 232 7.56 14.90 3.52
C GLY A 232 6.36 13.96 3.51
N SER A 233 5.97 13.53 2.32
CA SER A 233 4.82 12.60 2.19
C SER A 233 5.23 11.21 2.68
N VAL A 234 6.44 10.82 2.32
CA VAL A 234 6.95 9.51 2.78
C VAL A 234 7.00 9.43 4.32
N THR A 235 7.61 10.41 4.96
CA THR A 235 7.67 10.39 6.44
C THR A 235 6.31 10.52 7.06
N ARG A 236 5.40 11.28 6.46
CA ARG A 236 4.06 11.44 7.05
C ARG A 236 3.34 10.09 7.11
N ILE A 237 3.42 9.35 6.00
CA ILE A 237 2.68 8.08 5.90
C ILE A 237 3.38 7.02 6.77
N LEU A 238 4.72 7.03 6.76
CA LEU A 238 5.50 6.19 7.66
C LEU A 238 5.14 6.40 9.13
N ASN A 239 5.08 7.64 9.56
CA ASN A 239 4.64 7.95 10.93
C ASN A 239 3.25 7.44 11.20
N LEU A 240 2.29 7.78 10.35
CA LEU A 240 0.92 7.32 10.58
C LEU A 240 0.83 5.79 10.70
N ASN A 241 1.46 5.07 9.78
CA ASN A 241 1.32 3.64 9.71
C ASN A 241 1.99 2.93 10.88
N SER A 242 3.01 3.58 11.45
CA SER A 242 3.81 3.00 12.52
C SER A 242 2.97 2.72 13.75
N PHE A 243 1.84 3.38 13.90
CA PHE A 243 0.92 3.16 15.04
C PHE A 243 -0.21 2.20 14.76
N LYS A 244 -0.30 1.70 13.50
CA LYS A 244 -1.47 0.94 13.07
C LYS A 244 -1.15 -0.49 12.60
N LEU A 245 0.02 -1.01 12.98
CA LEU A 245 0.50 -2.25 12.41
C LEU A 245 -0.12 -3.49 12.98
N ASN A 246 -0.82 -3.35 14.11
CA ASN A 246 -1.55 -4.48 14.63
C ASN A 246 -2.76 -4.89 13.81
N SER A 247 -3.16 -4.05 12.85
CA SER A 247 -4.19 -4.39 11.87
C SER A 247 -3.69 -5.19 10.64
N VAL A 248 -2.37 -5.39 10.55
CA VAL A 248 -1.73 -5.97 9.36
C VAL A 248 -1.40 -7.46 9.60
N ASP A 249 -1.96 -8.33 8.77
CA ASP A 249 -1.64 -9.77 8.81
C ASP A 249 -2.16 -10.34 7.50
N PHE A 250 -2.17 -11.66 7.36
CA PHE A 250 -2.68 -12.31 6.17
C PHE A 250 -4.06 -11.82 5.79
N TRP A 251 -4.28 -11.63 4.48
CA TRP A 251 -5.57 -11.31 3.92
C TRP A 251 -6.07 -9.87 4.18
N GLY A 252 -5.27 -9.06 4.87
CA GLY A 252 -5.76 -7.76 5.31
C GLY A 252 -4.59 -6.84 5.61
N HIS A 253 -4.19 -6.05 4.62
CA HIS A 253 -3.00 -5.22 4.77
C HIS A 253 -3.32 -3.72 4.67
N ASN A 254 -2.82 -2.96 5.63
CA ASN A 254 -2.79 -1.49 5.54
C ASN A 254 -2.00 -1.13 4.25
N ASP A 255 -2.54 -0.16 3.50
CA ASP A 255 -2.05 0.25 2.20
C ASP A 255 -1.49 1.66 2.36
N ALA A 256 -0.16 1.74 2.27
CA ALA A 256 0.60 2.98 2.43
C ALA A 256 0.66 3.81 1.12
N ASP A 257 -0.18 3.43 0.15
CA ASP A 257 -0.41 4.09 -1.14
C ASP A 257 0.64 3.71 -2.19
N MET A 258 0.31 4.11 -3.41
CA MET A 258 1.02 3.75 -4.58
C MET A 258 2.47 4.27 -4.57
N LEU A 259 3.41 3.46 -5.02
CA LEU A 259 4.80 3.85 -4.94
C LEU A 259 5.11 5.09 -5.76
N GLU A 260 6.09 5.88 -5.28
CA GLU A 260 6.55 7.09 -5.97
C GLU A 260 7.97 6.95 -6.50
N VAL A 261 8.44 5.69 -6.50
CA VAL A 261 9.71 5.35 -7.10
C VAL A 261 9.72 5.89 -8.55
N GLY A 262 10.78 6.63 -8.85
CA GLY A 262 10.93 7.20 -10.18
C GLY A 262 10.30 8.56 -10.38
N ASN A 263 9.65 9.09 -9.34
CA ASN A 263 8.86 10.31 -9.49
C ASN A 263 9.32 11.49 -8.62
N GLY A 264 8.96 12.69 -9.06
CA GLY A 264 9.15 13.88 -8.27
C GLY A 264 10.59 14.16 -7.87
N ASN A 265 10.76 14.66 -6.64
CA ASN A 265 12.07 15.10 -6.21
C ASN A 265 12.72 14.13 -5.24
N LEU A 266 12.14 12.96 -5.08
CA LEU A 266 12.77 11.97 -4.20
C LEU A 266 14.18 11.67 -4.63
N THR A 267 15.09 11.71 -3.67
CA THR A 267 16.48 11.37 -3.94
C THR A 267 16.67 9.87 -3.96
N ALA A 268 17.86 9.40 -4.33
CA ALA A 268 18.11 7.99 -4.32
C ALA A 268 17.88 7.38 -2.93
N ALA A 269 18.40 8.03 -1.89
CA ALA A 269 18.24 7.56 -0.51
C ALA A 269 16.78 7.53 -0.08
N GLU A 270 16.11 8.63 -0.33
CA GLU A 270 14.69 8.73 -0.03
C GLU A 270 13.86 7.64 -0.71
N THR A 271 14.22 7.33 -1.95
CA THR A 271 13.56 6.27 -2.72
C THR A 271 13.81 4.89 -2.14
N ARG A 272 15.04 4.62 -1.73
CA ARG A 272 15.32 3.34 -1.05
C ARG A 272 14.51 3.20 0.25
N THR A 273 14.50 4.27 1.06
CA THR A 273 13.74 4.29 2.30
C THR A 273 12.25 3.98 2.04
N HIS A 274 11.70 4.67 1.06
CA HIS A 274 10.27 4.55 0.72
C HIS A 274 9.95 3.11 0.30
N PHE A 275 10.73 2.54 -0.63
CA PHE A 275 10.48 1.23 -1.09
C PHE A 275 10.65 0.18 0.01
N ALA A 276 11.78 0.28 0.71
CA ALA A 276 12.11 -0.69 1.73
C ALA A 276 11.04 -0.70 2.85
N LEU A 277 10.65 0.47 3.34
CA LEU A 277 9.62 0.51 4.42
C LEU A 277 8.24 0.11 3.91
N TRP A 278 7.90 0.47 2.65
CA TRP A 278 6.58 0.04 2.12
C TRP A 278 6.58 -1.49 2.08
N ALA A 279 7.66 -2.07 1.56
CA ALA A 279 7.78 -3.52 1.56
C ALA A 279 7.71 -4.16 2.94
N ALA A 280 8.47 -3.65 3.89
CA ALA A 280 8.57 -4.21 5.23
C ALA A 280 7.30 -4.03 6.04
N MET A 281 6.57 -2.94 5.77
CA MET A 281 5.27 -2.73 6.43
C MET A 281 4.19 -3.63 5.83
N LYS A 282 4.53 -4.40 4.78
CA LYS A 282 3.59 -5.28 4.12
C LYS A 282 2.37 -4.53 3.58
N SER A 283 2.66 -3.34 3.07
CA SER A 283 1.71 -2.70 2.15
C SER A 283 1.69 -3.40 0.78
N PRO A 284 0.56 -3.33 0.05
CA PRO A 284 0.60 -3.64 -1.37
C PRO A 284 1.65 -2.72 -1.95
N LEU A 285 2.35 -3.22 -2.99
CA LEU A 285 3.38 -2.50 -3.70
C LEU A 285 2.89 -2.34 -5.13
N LEU A 286 2.31 -1.18 -5.42
CA LEU A 286 1.86 -0.81 -6.75
C LEU A 286 2.82 0.24 -7.31
N ILE A 287 3.61 -0.17 -8.27
CA ILE A 287 4.43 0.75 -9.04
C ILE A 287 3.58 1.84 -9.73
N GLY A 288 4.08 3.08 -9.73
CA GLY A 288 3.29 4.19 -10.21
C GLY A 288 4.07 5.17 -11.04
N THR A 289 4.77 4.64 -12.04
CA THR A 289 5.64 5.46 -12.86
C THR A 289 5.72 4.85 -14.25
N ASP A 290 6.08 5.64 -15.24
CA ASP A 290 6.13 5.14 -16.63
C ASP A 290 7.40 4.26 -16.74
N LEU A 291 7.18 2.97 -16.89
CA LEU A 291 8.30 2.02 -16.87
C LEU A 291 9.28 2.24 -18.05
N ALA A 292 8.80 2.86 -19.13
CA ALA A 292 9.70 3.19 -20.28
C ALA A 292 10.72 4.26 -19.97
N GLN A 293 10.51 5.02 -18.90
CA GLN A 293 11.39 6.09 -18.48
C GLN A 293 12.06 5.79 -17.13
N LEU A 294 11.84 4.60 -16.59
CA LEU A 294 12.39 4.25 -15.27
C LEU A 294 13.82 3.74 -15.42
N SER A 295 14.72 4.31 -14.65
CA SER A 295 16.14 3.87 -14.69
C SER A 295 16.28 2.40 -14.33
N GLN A 296 17.30 1.74 -14.89
CA GLN A 296 17.58 0.36 -14.48
C GLN A 296 17.83 0.26 -12.98
N ASN A 297 18.47 1.25 -12.39
CA ASN A 297 18.74 1.24 -10.96
C ASN A 297 17.41 1.17 -10.17
N ASN A 298 16.40 1.93 -10.60
CA ASN A 298 15.10 1.88 -9.95
C ASN A 298 14.37 0.56 -10.24
N ILE A 299 14.54 0.02 -11.47
CA ILE A 299 13.96 -1.27 -11.75
C ILE A 299 14.54 -2.33 -10.83
N ASN A 300 15.86 -2.27 -10.64
CA ASN A 300 16.54 -3.23 -9.78
C ASN A 300 16.13 -3.06 -8.32
N LEU A 301 15.92 -1.82 -7.90
CA LEU A 301 15.38 -1.58 -6.57
C LEU A 301 14.03 -2.31 -6.37
N LEU A 302 13.09 -2.12 -7.29
CA LEU A 302 11.77 -2.72 -7.22
C LEU A 302 11.81 -4.24 -7.21
N LYS A 303 12.86 -4.80 -7.84
CA LYS A 303 13.05 -6.26 -7.88
C LYS A 303 13.83 -6.85 -6.71
N ASN A 304 14.16 -6.04 -5.70
CA ASN A 304 14.95 -6.51 -4.56
C ASN A 304 14.38 -7.81 -4.00
N LYS A 305 15.15 -8.89 -4.11
CA LYS A 305 14.60 -10.21 -3.86
C LYS A 305 14.32 -10.36 -2.37
N HIS A 306 15.16 -9.78 -1.51
CA HIS A 306 14.96 -9.92 -0.07
C HIS A 306 13.77 -9.13 0.43
N LEU A 307 13.59 -7.89 -0.04
CA LEU A 307 12.44 -7.09 0.37
C LEU A 307 11.15 -7.73 -0.15
N LEU A 308 11.14 -8.25 -1.37
CA LEU A 308 9.95 -8.89 -1.92
C LEU A 308 9.62 -10.17 -1.18
N ALA A 309 10.62 -11.02 -0.92
CA ALA A 309 10.39 -12.23 -0.14
C ALA A 309 9.82 -11.99 1.25
N PHE A 310 10.28 -10.93 1.87
CA PHE A 310 9.79 -10.59 3.19
C PHE A 310 8.31 -10.19 3.11
N ASN A 311 8.05 -9.30 2.16
CA ASN A 311 6.70 -8.76 1.96
C ASN A 311 5.74 -9.93 1.69
N GLN A 312 6.18 -10.92 0.88
CA GLN A 312 5.36 -11.98 0.35
C GLN A 312 5.39 -13.28 1.17
N ASP A 313 5.98 -13.20 2.33
CA ASP A 313 6.16 -14.41 3.18
C ASP A 313 4.82 -15.05 3.46
N SER A 314 4.73 -16.38 3.22
CA SER A 314 3.51 -17.16 3.31
C SER A 314 3.37 -17.89 4.66
N VAL A 315 4.33 -17.67 5.55
CA VAL A 315 4.34 -18.26 6.89
C VAL A 315 4.18 -17.19 8.01
N TYR A 316 4.85 -16.04 7.89
CA TYR A 316 4.73 -14.98 8.88
C TYR A 316 3.82 -13.92 8.26
N GLY A 317 2.64 -13.72 8.83
CA GLY A 317 1.71 -12.73 8.30
C GLY A 317 2.00 -11.30 8.73
N GLN A 318 2.58 -11.08 9.91
CA GLN A 318 2.79 -9.76 10.45
C GLN A 318 3.92 -9.05 9.74
N PRO A 319 3.86 -7.72 9.73
CA PRO A 319 4.91 -6.88 9.16
C PRO A 319 6.10 -6.67 10.10
N ALA A 320 7.15 -6.09 9.56
CA ALA A 320 8.15 -5.47 10.42
C ALA A 320 7.47 -4.36 11.22
N THR A 321 7.88 -4.22 12.47
CA THR A 321 7.36 -3.18 13.39
C THR A 321 8.47 -2.38 14.04
N PRO A 322 8.17 -1.15 14.48
CA PRO A 322 9.17 -0.32 15.13
C PRO A 322 9.53 -0.89 16.50
N TYR A 323 10.80 -1.13 16.71
CA TYR A 323 11.30 -1.50 18.04
C TYR A 323 11.96 -0.38 18.86
N LYS A 324 12.33 0.71 18.21
CA LYS A 324 12.88 1.90 18.84
C LYS A 324 12.62 3.09 17.98
N TRP A 325 12.09 4.17 18.54
CA TRP A 325 11.83 5.37 17.74
C TRP A 325 13.10 6.10 17.34
N GLY A 326 14.09 6.21 18.26
CA GLY A 326 15.32 6.91 17.94
C GLY A 326 15.42 8.31 18.50
N ILE A 327 15.30 9.33 17.66
CA ILE A 327 15.52 10.71 18.10
C ILE A 327 14.50 11.10 19.16
N ASN A 328 13.28 10.58 19.02
CA ASN A 328 12.20 10.83 19.98
C ASN A 328 11.94 9.65 20.85
N PRO A 329 11.28 9.84 22.00
CA PRO A 329 10.92 8.71 22.82
C PRO A 329 10.03 7.72 22.07
N ASP A 330 10.09 6.46 22.44
CA ASP A 330 9.22 5.44 21.85
C ASP A 330 7.77 5.86 21.88
N TRP A 331 7.09 5.54 20.78
CA TRP A 331 5.68 5.85 20.54
C TRP A 331 5.36 7.36 20.43
N THR A 332 6.27 8.15 19.90
CA THR A 332 6.07 9.55 19.68
C THR A 332 5.52 9.74 18.26
N PHE A 333 4.30 10.25 18.18
CA PHE A 333 3.73 10.66 16.88
C PHE A 333 4.37 11.95 16.40
N ASN A 334 5.05 11.85 15.24
CA ASN A 334 5.78 12.97 14.68
C ASN A 334 5.95 12.78 13.17
N VAL A 335 5.43 13.73 12.39
CA VAL A 335 5.31 13.53 10.95
C VAL A 335 6.62 13.66 10.19
N THR A 336 7.63 14.28 10.79
CA THR A 336 8.92 14.51 10.18
C THR A 336 9.98 13.53 10.66
N TYR A 337 9.86 13.07 11.90
CA TYR A 337 10.83 12.16 12.54
C TYR A 337 10.09 10.91 13.03
N PRO A 338 9.59 10.08 12.08
CA PRO A 338 8.97 8.82 12.43
C PRO A 338 9.93 7.83 13.08
N ALA A 339 9.37 6.77 13.61
CA ALA A 339 10.18 5.69 14.17
C ALA A 339 11.30 5.28 13.19
N GLU A 340 12.51 5.14 13.73
CA GLU A 340 13.68 4.83 12.92
C GLU A 340 14.08 3.35 12.84
N PHE A 341 13.79 2.57 13.87
CA PHE A 341 14.38 1.24 14.01
C PHE A 341 13.28 0.20 13.92
N TRP A 342 13.33 -0.60 12.86
CA TRP A 342 12.29 -1.56 12.56
C TRP A 342 12.82 -3.00 12.42
N ALA A 343 11.95 -3.98 12.72
CA ALA A 343 12.34 -5.38 12.57
C ALA A 343 11.15 -6.31 12.53
N GLY A 344 11.34 -7.42 11.87
CA GLY A 344 10.35 -8.46 11.90
C GLY A 344 10.90 -9.80 11.40
N PRO A 345 10.32 -10.88 11.89
CA PRO A 345 10.69 -12.21 11.44
C PRO A 345 10.17 -12.62 10.08
N SER A 346 10.84 -13.60 9.47
CA SER A 346 10.38 -14.20 8.22
C SER A 346 11.03 -15.58 8.07
N SER A 347 10.70 -16.27 6.97
CA SER A 347 11.26 -17.59 6.63
C SER A 347 12.74 -17.48 6.41
N LYS A 348 13.22 -16.33 5.93
CA LYS A 348 14.62 -16.10 5.60
C LYS A 348 15.40 -15.38 6.70
N GLY A 349 14.81 -15.23 7.88
CA GLY A 349 15.46 -14.58 9.00
C GLY A 349 14.81 -13.25 9.36
N HIS A 350 15.44 -12.51 10.25
CA HIS A 350 14.88 -11.26 10.77
C HIS A 350 15.37 -10.12 9.94
N LEU A 351 14.40 -9.39 9.38
CA LEU A 351 14.68 -8.20 8.64
C LEU A 351 14.82 -7.04 9.61
N VAL A 352 15.87 -6.25 9.48
CA VAL A 352 16.11 -5.11 10.35
C VAL A 352 16.37 -3.92 9.48
N LEU A 353 15.65 -2.81 9.76
CA LEU A 353 15.76 -1.59 8.97
C LEU A 353 15.98 -0.43 9.90
N MET A 354 16.88 0.48 9.52
CA MET A 354 17.25 1.66 10.33
C MET A 354 17.24 2.89 9.43
N VAL A 355 16.25 3.72 9.64
CA VAL A 355 16.00 4.89 8.81
C VAL A 355 16.73 6.12 9.41
N ASN A 356 17.58 6.76 8.63
CA ASN A 356 18.15 8.04 9.00
C ASN A 356 17.29 9.20 8.61
N THR A 357 16.44 9.67 9.55
CA THR A 357 15.60 10.83 9.29
C THR A 357 16.30 12.17 9.38
N LEU A 358 17.57 12.18 9.79
CA LEU A 358 18.35 13.44 9.74
C LEU A 358 18.80 13.77 8.30
N ASP A 359 19.14 15.04 8.07
CA ASP A 359 19.60 15.42 6.73
C ASP A 359 21.13 15.48 6.59
N ILE A 360 21.82 14.79 7.52
CA ILE A 360 23.24 14.51 7.37
C ILE A 360 23.50 13.03 7.68
N THR A 361 24.64 12.55 7.24
CA THR A 361 25.03 11.18 7.53
C THR A 361 25.03 10.96 9.04
N ALA A 362 24.57 9.80 9.46
CA ALA A 362 24.47 9.43 10.84
C ALA A 362 24.77 7.97 11.05
N THR A 363 25.46 7.66 12.15
CA THR A 363 25.74 6.26 12.46
C THR A 363 24.54 5.68 13.15
N LYS A 364 24.12 4.50 12.71
CA LYS A 364 23.00 3.80 13.30
C LYS A 364 23.40 2.36 13.64
N GLU A 365 22.98 1.86 14.80
CA GLU A 365 23.40 0.56 15.26
C GLU A 365 22.26 -0.35 15.61
N ALA A 366 22.29 -1.54 14.99
CA ALA A 366 21.33 -2.60 15.27
C ALA A 366 21.90 -3.43 16.42
N LYS A 367 21.18 -3.40 17.53
CA LYS A 367 21.62 -4.07 18.77
C LYS A 367 20.63 -5.22 19.03
N TRP A 368 21.13 -6.46 19.05
CA TRP A 368 20.24 -7.61 19.05
C TRP A 368 19.27 -7.68 20.25
N ASN A 369 19.74 -7.27 21.42
CA ASN A 369 18.90 -7.31 22.62
C ASN A 369 17.69 -6.41 22.50
N GLU A 370 17.81 -5.34 21.71
CA GLU A 370 16.68 -4.41 21.48
C GLU A 370 15.61 -4.98 20.55
N ILE A 371 15.96 -5.98 19.77
CA ILE A 371 15.09 -6.45 18.70
C ILE A 371 14.34 -7.68 19.12
N PRO A 372 13.03 -7.62 19.07
CA PRO A 372 12.19 -8.79 19.38
C PRO A 372 12.55 -10.03 18.55
N GLY A 373 12.77 -11.15 19.24
CA GLY A 373 13.10 -12.39 18.60
C GLY A 373 14.60 -12.66 18.51
N LEU A 374 15.40 -11.64 18.76
CA LEU A 374 16.84 -11.80 18.82
C LEU A 374 17.36 -11.57 20.24
N SER A 375 18.58 -12.04 20.50
CA SER A 375 19.19 -11.91 21.81
C SER A 375 20.69 -11.62 21.63
N ALA A 376 21.32 -11.09 22.66
CA ALA A 376 22.76 -10.82 22.62
C ALA A 376 23.51 -12.07 22.16
N GLY A 377 24.60 -11.84 21.41
CA GLY A 377 25.37 -12.89 20.80
C GLY A 377 25.78 -12.51 19.37
N HIS A 378 26.22 -13.49 18.63
CA HIS A 378 26.65 -13.29 17.25
C HIS A 378 25.70 -13.99 16.29
N TYR A 379 25.35 -13.31 15.21
CA TYR A 379 24.50 -13.85 14.16
C TYR A 379 25.18 -13.66 12.81
N GLU A 380 24.86 -14.55 11.87
CA GLU A 380 25.25 -14.34 10.48
C GLU A 380 24.36 -13.24 9.87
N VAL A 381 24.97 -12.23 9.23
CA VAL A 381 24.21 -11.09 8.75
C VAL A 381 24.50 -10.85 7.26
N ARG A 382 23.48 -10.42 6.50
CA ARG A 382 23.61 -10.08 5.10
C ARG A 382 23.04 -8.67 4.88
N ASP A 383 23.70 -7.93 4.01
CA ASP A 383 23.25 -6.63 3.59
C ASP A 383 22.20 -6.82 2.49
N VAL A 384 20.98 -6.37 2.74
CA VAL A 384 19.91 -6.50 1.75
C VAL A 384 20.09 -5.69 0.46
N TRP A 385 20.76 -4.55 0.55
CA TRP A 385 20.95 -3.67 -0.65
C TRP A 385 21.95 -4.28 -1.61
N SER A 386 23.04 -4.82 -1.05
CA SER A 386 24.19 -5.28 -1.87
C SER A 386 24.19 -6.79 -2.05
N ASP A 387 23.36 -7.48 -1.28
CA ASP A 387 23.35 -8.91 -1.18
C ASP A 387 24.74 -9.46 -0.77
N LYS A 388 25.46 -8.74 0.04
CA LYS A 388 26.75 -9.20 0.55
C LYS A 388 26.68 -9.72 1.97
N ASP A 389 27.51 -10.73 2.23
CA ASP A 389 27.75 -11.23 3.60
C ASP A 389 28.42 -10.15 4.43
N LEU A 390 27.86 -9.85 5.63
CA LEU A 390 28.47 -8.85 6.54
C LEU A 390 29.26 -9.53 7.67
N GLY A 391 29.17 -10.85 7.74
CA GLY A 391 29.93 -11.65 8.70
C GLY A 391 29.15 -12.17 9.87
N CYS A 392 29.88 -12.56 10.92
CA CYS A 392 29.33 -13.14 12.15
C CYS A 392 29.45 -12.05 13.23
N LEU A 393 28.34 -11.38 13.51
CA LEU A 393 28.35 -10.05 14.17
C LEU A 393 27.65 -10.01 15.51
N SER A 394 28.30 -9.31 16.43
CA SER A 394 27.70 -9.04 17.74
C SER A 394 26.71 -7.84 17.75
N SER A 395 26.76 -7.00 16.70
CA SER A 395 25.83 -5.88 16.47
C SER A 395 26.15 -5.44 15.03
N TYR A 396 25.35 -4.53 14.44
CA TYR A 396 25.66 -4.03 13.10
C TYR A 396 25.57 -2.50 13.17
N LYS A 397 26.71 -1.85 12.90
CA LYS A 397 26.85 -0.42 12.91
C LYS A 397 27.15 0.06 11.50
N ALA A 398 26.45 1.09 11.05
CA ALA A 398 26.61 1.59 9.69
C ALA A 398 26.48 3.10 9.63
N ALA A 399 27.26 3.75 8.78
CA ALA A 399 27.08 5.15 8.43
C ALA A 399 25.94 5.20 7.41
N VAL A 400 24.86 5.88 7.77
CA VAL A 400 23.67 5.92 6.90
C VAL A 400 23.50 7.33 6.35
N ALA A 401 23.47 7.43 5.01
CA ALA A 401 23.32 8.72 4.35
C ALA A 401 22.00 9.40 4.74
N ALA A 402 21.97 10.72 4.58
CA ALA A 402 20.77 11.52 4.82
C ALA A 402 19.54 10.87 4.15
N HIS A 403 18.52 10.58 4.95
CA HIS A 403 17.21 10.09 4.48
C HIS A 403 17.30 8.68 3.89
N ASP A 404 18.44 7.97 4.10
CA ASP A 404 18.60 6.58 3.67
C ASP A 404 18.19 5.59 4.77
N THR A 405 18.14 4.32 4.42
CA THR A 405 17.81 3.25 5.36
C THR A 405 18.83 2.15 5.17
N ALA A 406 19.43 1.75 6.29
CA ALA A 406 20.22 0.52 6.29
C ALA A 406 19.29 -0.64 6.45
N VAL A 407 19.51 -1.69 5.64
CA VAL A 407 18.65 -2.86 5.67
C VAL A 407 19.48 -4.14 5.71
N ILE A 408 19.26 -4.97 6.74
CA ILE A 408 19.97 -6.21 6.88
C ILE A 408 19.03 -7.37 7.12
N LEU A 409 19.52 -8.57 6.87
CA LEU A 409 18.84 -9.80 7.17
C LEU A 409 19.71 -10.57 8.17
N VAL A 410 19.15 -10.83 9.34
CA VAL A 410 19.84 -11.55 10.41
C VAL A 410 19.45 -13.02 10.33
N GLY A 411 20.45 -13.85 10.08
CA GLY A 411 20.30 -15.27 9.93
C GLY A 411 20.57 -16.03 11.21
N LYS A 412 21.22 -17.17 11.02
CA LYS A 412 21.44 -18.07 12.13
C LYS A 412 22.41 -17.48 13.13
N LYS A 413 22.21 -17.86 14.39
CA LYS A 413 23.24 -17.63 15.40
C LYS A 413 24.53 -18.33 15.00
N CYS A 414 25.63 -17.62 15.11
CA CYS A 414 26.95 -18.17 14.78
C CYS A 414 27.88 -18.30 15.97
N GLN A 415 27.51 -17.73 17.14
CA GLN A 415 28.11 -18.16 18.41
C GLN A 415 27.04 -18.07 19.50
N ARG A 416 27.24 -18.81 20.58
CA ARG A 416 26.32 -18.75 21.74
C ARG A 416 26.56 -17.46 22.51
N TRP A 417 27.77 -16.93 22.42
CA TRP A 417 28.13 -15.70 23.11
C TRP A 417 28.19 -14.52 22.15
#